data_2DS9
#
_entry.id   2DS9
#
_cell.length_a   63.818
_cell.length_b   50.387
_cell.length_c   65.982
_cell.angle_alpha   90.00
_cell.angle_beta   108.08
_cell.angle_gamma   90.00
#
_symmetry.space_group_name_H-M   'P 1 21 1'
#
loop_
_entity.id
_entity.type
_entity.pdbx_description
1 polymer Lactotransferrin
2 branched alpha-D-mannopyranose-(1-4)-2-acetamido-2-deoxy-beta-D-glucopyranose-(1-4)-2-acetamido-2-deoxy-beta-D-glucopyranose
3 branched alpha-D-mannopyranose-(1-4)-alpha-D-mannopyranose-(1-4)-alpha-D-mannopyranose-(1-4)-alpha-D-mannopyranose-(1-4)-2-acetamido-2-deoxy-beta-D-glucopyranose-(1-4)-2-acetamido-2-deoxy-beta-D-glucopyranose
4 non-polymer 2-acetamido-2-deoxy-beta-D-glucopyranose
5 non-polymer alpha-D-mannopyranose
6 non-polymer 'ZINC ION'
7 non-polymer 'FE (III) ION'
8 non-polymer 'CARBONATE ION'
9 non-polymer 'SULFATE ION'
10 water water
#
_entity_poly.entity_id   1
_entity_poly.type   'polypeptide(L)'
_entity_poly.pdbx_seq_one_letter_code
;YTRVVWCAVGPEEQKKCQQWSQQSGQNVTCATASTTDDCIVLVLKGEADALNLDGGYIYTAGKCGLVPVLAENRKSSKHS
SLDCVLRPTEGYLAVAVVKKANEGLTWNSLKDKKSCHTAVDRTAGWNIPMGLIVNQTGSCAFDEFFSQSCAPGADPKSRL
CALCAGDDQGLDKCVPNSKEKYYGYTGAFRCLAEDVGDVAFVKNDTVWENTNGESTADWAKNLKREDFRLLCLDGTRKPV
TEAQSCHLAVAPNHAVVSRSDRAAHVEQVLLHQQALFGKNGKNCPDKFCLFKSETKNLLFNDNTECLAKLGGRPTYEEYL
GTEYVTAIANLKKCSTSPLLEACAF
;
_entity_poly.pdbx_strand_id   A
#
loop_
_chem_comp.id
_chem_comp.type
_chem_comp.name
_chem_comp.formula
CO3 non-polymer 'CARBONATE ION' 'C O3 -2'
FE non-polymer 'FE (III) ION' 'Fe 3'
MAN D-saccharide, alpha linking alpha-D-mannopyranose 'C6 H12 O6'
NAG D-saccharide, beta linking 2-acetamido-2-deoxy-beta-D-glucopyranose 'C8 H15 N O6'
SO4 non-polymer 'SULFATE ION' 'O4 S -2'
ZN non-polymer 'ZINC ION' 'Zn 2'
#
# COMPACT_ATOMS: atom_id res chain seq x y z
N TYR A 1 -17.54 24.41 -4.04
CA TYR A 1 -16.95 24.86 -2.73
C TYR A 1 -17.12 23.79 -1.65
N THR A 2 -18.24 23.07 -1.70
CA THR A 2 -18.41 21.91 -0.84
C THR A 2 -18.18 20.74 -1.77
N ARG A 3 -17.08 20.80 -2.52
CA ARG A 3 -16.78 19.82 -3.55
C ARG A 3 -15.29 19.44 -3.64
N VAL A 4 -15.00 18.19 -3.28
CA VAL A 4 -13.65 17.66 -3.25
C VAL A 4 -13.18 17.09 -4.58
N VAL A 5 -11.92 17.28 -4.92
CA VAL A 5 -11.32 16.71 -6.13
C VAL A 5 -10.32 15.63 -5.73
N TRP A 6 -10.57 14.39 -6.16
CA TRP A 6 -9.75 13.25 -5.75
C TRP A 6 -8.71 12.95 -6.78
N CYS A 7 -7.52 12.53 -6.37
CA CYS A 7 -6.49 12.22 -7.35
C CYS A 7 -6.37 10.73 -7.57
N ALA A 8 -6.54 10.28 -8.79
CA ALA A 8 -6.44 8.85 -9.06
C ALA A 8 -5.16 8.47 -9.78
N VAL A 9 -4.54 7.38 -9.33
CA VAL A 9 -3.29 6.91 -9.90
C VAL A 9 -3.48 5.78 -10.89
N GLY A 10 -3.39 6.10 -12.17
CA GLY A 10 -3.52 5.11 -13.23
C GLY A 10 -4.92 5.10 -13.77
N PRO A 11 -5.09 4.57 -14.99
CA PRO A 11 -6.40 4.50 -15.65
C PRO A 11 -7.46 3.69 -14.90
N GLU A 12 -7.05 2.67 -14.16
CA GLU A 12 -8.03 1.82 -13.47
C GLU A 12 -8.71 2.50 -12.29
N GLU A 13 -7.99 3.40 -11.62
CA GLU A 13 -8.52 4.18 -10.49
C GLU A 13 -9.27 5.39 -11.00
N GLN A 14 -9.03 5.78 -12.24
CA GLN A 14 -9.80 6.87 -12.79
C GLN A 14 -11.18 6.30 -13.11
N LYS A 15 -11.21 5.10 -13.63
CA LYS A 15 -12.49 4.51 -13.95
C LYS A 15 -13.28 4.30 -12.67
N LYS A 16 -12.61 4.02 -11.56
CA LYS A 16 -13.35 3.85 -10.31
C LYS A 16 -13.80 5.19 -9.74
N CYS A 17 -12.97 6.22 -9.91
CA CYS A 17 -13.29 7.53 -9.37
C CYS A 17 -14.43 8.17 -10.13
N GLN A 18 -14.38 8.08 -11.44
CA GLN A 18 -15.44 8.67 -12.25
C GLN A 18 -16.77 8.07 -11.88
N GLN A 19 -16.73 6.77 -11.61
CA GLN A 19 -17.95 6.02 -11.18
C GLN A 19 -18.44 6.54 -9.84
N TRP A 20 -17.51 6.85 -8.97
CA TRP A 20 -17.82 7.43 -7.68
C TRP A 20 -18.41 8.83 -7.87
N SER A 21 -17.85 9.58 -8.81
CA SER A 21 -18.29 10.94 -9.10
C SER A 21 -19.75 11.01 -9.54
N GLN A 22 -20.08 10.24 -10.56
CA GLN A 22 -21.44 10.13 -11.06
C GLN A 22 -22.42 9.89 -9.92
N GLN A 23 -22.13 8.91 -9.07
CA GLN A 23 -22.96 8.59 -7.91
C GLN A 23 -22.97 9.69 -6.85
N SER A 24 -22.03 10.60 -6.92
CA SER A 24 -21.94 11.64 -5.91
C SER A 24 -22.59 12.93 -6.35
N GLY A 25 -23.15 12.93 -7.55
CA GLY A 25 -23.72 14.13 -8.12
C GLY A 25 -22.68 15.24 -8.11
N GLN A 26 -21.48 14.89 -8.52
CA GLN A 26 -20.38 15.84 -8.56
C GLN A 26 -20.05 16.41 -7.20
N ASN A 27 -20.36 15.71 -6.11
CA ASN A 27 -19.88 16.22 -4.85
C ASN A 27 -18.38 15.93 -4.84
N VAL A 28 -18.00 14.87 -5.59
CA VAL A 28 -16.60 14.49 -5.72
C VAL A 28 -16.26 14.39 -7.17
N THR A 29 -15.03 14.80 -7.48
CA THR A 29 -14.57 14.86 -8.85
C THR A 29 -13.13 14.33 -8.99
N CYS A 30 -12.67 14.08 -10.20
CA CYS A 30 -11.41 13.36 -10.34
C CYS A 30 -10.33 14.01 -11.16
N ALA A 31 -9.09 13.83 -10.73
CA ALA A 31 -7.91 14.21 -11.50
C ALA A 31 -7.07 12.94 -11.64
N THR A 32 -6.40 12.76 -12.77
CA THR A 32 -5.62 11.55 -12.94
C THR A 32 -4.15 11.81 -13.10
N ALA A 33 -3.35 10.92 -12.54
CA ALA A 33 -1.91 11.00 -12.67
C ALA A 33 -1.32 9.61 -12.93
N SER A 34 -0.18 9.56 -13.59
CA SER A 34 0.49 8.31 -13.87
C SER A 34 1.21 7.74 -12.66
N THR A 35 1.36 8.53 -11.59
CA THR A 35 2.02 7.99 -10.39
C THR A 35 1.53 8.70 -9.17
N THR A 36 1.89 8.15 -8.02
CA THR A 36 1.52 8.74 -6.77
C THR A 36 2.20 10.07 -6.64
N ASP A 37 3.48 10.11 -7.00
CA ASP A 37 4.23 11.37 -6.91
C ASP A 37 3.53 12.52 -7.63
N ASP A 38 3.19 12.36 -8.91
CA ASP A 38 2.49 13.45 -9.58
C ASP A 38 1.18 13.76 -8.86
N CYS A 39 0.50 12.73 -8.37
CA CYS A 39 -0.72 13.00 -7.63
C CYS A 39 -0.48 13.95 -6.46
N ILE A 40 0.63 13.75 -5.75
CA ILE A 40 0.99 14.61 -4.64
C ILE A 40 1.24 16.01 -5.13
N VAL A 41 2.03 16.13 -6.20
CA VAL A 41 2.28 17.41 -6.83
C VAL A 41 0.96 18.08 -7.15
N LEU A 42 0.04 17.37 -7.82
CA LEU A 42 -1.23 18.00 -8.20
C LEU A 42 -1.87 18.56 -6.95
N VAL A 43 -1.63 17.92 -5.82
CA VAL A 43 -2.24 18.39 -4.59
C VAL A 43 -1.54 19.64 -4.05
N LEU A 44 -0.22 19.67 -4.14
CA LEU A 44 0.50 20.87 -3.73
C LEU A 44 -0.01 22.04 -4.54
N LYS A 45 -0.13 21.83 -5.85
CA LYS A 45 -0.53 22.88 -6.77
C LYS A 45 -1.92 23.35 -6.44
N GLY A 46 -2.73 22.46 -5.90
CA GLY A 46 -4.10 22.82 -5.60
C GLY A 46 -5.05 22.33 -6.68
N GLU A 47 -4.52 21.67 -7.71
CA GLU A 47 -5.39 21.15 -8.78
C GLU A 47 -6.22 19.90 -8.36
N ALA A 48 -5.86 19.26 -7.25
CA ALA A 48 -6.61 18.15 -6.68
C ALA A 48 -6.63 18.33 -5.17
N ASP A 49 -7.58 17.71 -4.46
CA ASP A 49 -7.65 17.93 -3.00
C ASP A 49 -7.06 16.85 -2.11
N ALA A 50 -7.18 15.57 -2.50
CA ALA A 50 -6.80 14.49 -1.61
C ALA A 50 -6.54 13.19 -2.32
N LEU A 51 -5.88 12.28 -1.63
CA LEU A 51 -5.76 10.87 -2.02
C LEU A 51 -5.47 10.05 -0.79
N ASN A 52 -5.55 8.74 -0.93
CA ASN A 52 -5.32 7.81 0.16
C ASN A 52 -3.92 7.25 -0.05
N LEU A 53 -3.09 7.25 0.97
CA LEU A 53 -1.68 6.91 0.76
C LEU A 53 -1.13 5.90 1.73
N ASP A 54 -0.17 5.14 1.24
CA ASP A 54 0.59 4.21 2.04
C ASP A 54 1.53 5.07 2.86
N GLY A 55 1.98 4.54 4.00
CA GLY A 55 2.85 5.29 4.88
C GLY A 55 4.05 5.90 4.20
N GLY A 56 4.74 5.12 3.38
CA GLY A 56 5.94 5.57 2.70
C GLY A 56 5.76 6.87 1.94
N TYR A 57 4.60 7.01 1.32
CA TYR A 57 4.31 8.15 0.49
C TYR A 57 3.92 9.34 1.35
N ILE A 58 3.19 9.08 2.43
CA ILE A 58 2.81 10.12 3.39
C ILE A 58 4.04 10.84 3.86
N TYR A 59 5.10 10.08 4.12
CA TYR A 59 6.34 10.67 4.58
C TYR A 59 6.77 11.75 3.62
N THR A 60 6.70 11.42 2.35
CA THR A 60 7.06 12.35 1.29
C THR A 60 6.16 13.55 1.33
N ALA A 61 4.86 13.27 1.38
CA ALA A 61 3.85 14.31 1.36
C ALA A 61 4.02 15.30 2.49
N GLY A 62 4.38 14.76 3.66
CA GLY A 62 4.54 15.54 4.88
C GLY A 62 5.67 16.52 4.84
N LYS A 63 6.74 16.20 4.13
CA LYS A 63 7.79 17.17 4.01
C LYS A 63 7.25 18.34 3.21
N CYS A 64 6.38 18.04 2.24
CA CYS A 64 5.75 19.04 1.39
C CYS A 64 4.56 19.77 1.98
N GLY A 65 4.26 19.52 3.26
CA GLY A 65 3.22 20.25 3.96
C GLY A 65 1.83 19.64 3.99
N LEU A 66 1.65 18.49 3.35
CA LEU A 66 0.33 17.88 3.37
C LEU A 66 0.05 17.26 4.74
N VAL A 67 -1.21 16.94 5.01
CA VAL A 67 -1.59 16.45 6.32
C VAL A 67 -2.53 15.24 6.28
N PRO A 68 -2.30 14.28 7.17
CA PRO A 68 -3.18 13.14 7.26
C PRO A 68 -4.52 13.66 7.79
N VAL A 69 -5.64 13.18 7.24
CA VAL A 69 -6.97 13.60 7.64
C VAL A 69 -7.75 12.50 8.34
N LEU A 70 -7.97 11.40 7.64
CA LEU A 70 -8.69 10.25 8.14
C LEU A 70 -7.84 9.04 7.76
N ALA A 71 -7.99 7.95 8.53
CA ALA A 71 -7.25 6.73 8.26
C ALA A 71 -8.12 5.56 7.89
N GLU A 72 -7.53 4.58 7.20
CA GLU A 72 -8.22 3.33 6.87
C GLU A 72 -8.31 2.52 8.15
N ASN A 73 -9.46 1.91 8.38
CA ASN A 73 -9.62 1.06 9.56
C ASN A 73 -10.23 -0.23 9.09
N ARG A 74 -9.75 -1.37 9.62
CA ARG A 74 -10.32 -2.65 9.27
C ARG A 74 -10.75 -3.34 10.54
N LYS A 75 -11.40 -4.55 10.40
CA LYS A 75 -11.98 -5.33 11.48
C LYS A 75 -11.04 -5.80 12.56
N SER A 76 -11.67 -6.03 13.77
CA SER A 76 -10.94 -6.45 14.97
C SER A 76 -11.75 -7.02 16.15
N SER A 77 -11.04 -7.70 17.04
CA SER A 77 -11.63 -8.34 18.19
C SER A 77 -11.51 -7.42 19.41
N LYS A 78 -10.39 -6.72 19.48
CA LYS A 78 -10.11 -5.72 20.52
C LYS A 78 -10.91 -4.45 20.21
N HIS A 79 -11.25 -3.67 21.23
CA HIS A 79 -11.92 -2.38 21.02
C HIS A 79 -13.35 -2.47 20.51
N SER A 80 -13.91 -3.68 20.50
CA SER A 80 -15.21 -3.94 19.89
C SER A 80 -16.28 -2.88 20.15
N SER A 81 -16.46 -2.51 21.41
CA SER A 81 -17.49 -1.54 21.80
C SER A 81 -17.48 -0.29 20.93
N LEU A 82 -16.30 0.10 20.47
CA LEU A 82 -16.15 1.33 19.72
C LEU A 82 -16.59 1.29 18.26
N ASP A 83 -17.24 2.36 17.84
CA ASP A 83 -17.68 2.51 16.47
C ASP A 83 -16.44 2.67 15.61
N CYS A 84 -16.47 2.14 14.39
CA CYS A 84 -15.30 2.15 13.53
C CYS A 84 -14.65 3.53 13.32
N VAL A 85 -15.46 4.55 13.06
CA VAL A 85 -14.90 5.88 12.82
C VAL A 85 -14.11 6.47 13.99
N LEU A 86 -14.48 6.10 15.21
CA LEU A 86 -13.81 6.61 16.40
C LEU A 86 -12.72 5.66 16.92
N ARG A 87 -12.86 4.38 16.57
CA ARG A 87 -11.93 3.35 17.00
C ARG A 87 -10.51 3.65 16.52
N PRO A 88 -9.53 3.45 17.37
CA PRO A 88 -8.14 3.76 17.00
C PRO A 88 -7.71 2.80 15.89
N THR A 89 -6.63 3.13 15.19
CA THR A 89 -6.14 2.26 14.13
C THR A 89 -5.09 1.32 14.67
N GLU A 90 -5.30 0.04 14.41
CA GLU A 90 -4.38 -0.97 14.88
C GLU A 90 -3.07 -1.10 14.13
N GLY A 91 -3.04 -0.84 12.83
CA GLY A 91 -1.81 -1.00 12.08
C GLY A 91 -1.83 -2.30 11.28
N TYR A 92 -0.76 -2.56 10.54
CA TYR A 92 -0.71 -3.79 9.76
C TYR A 92 0.68 -4.40 9.71
N LEU A 93 0.76 -5.70 9.41
CA LEU A 93 2.07 -6.36 9.49
C LEU A 93 2.79 -6.53 8.15
N ALA A 94 4.04 -6.10 8.12
CA ALA A 94 4.84 -6.29 6.93
C ALA A 94 5.46 -7.65 7.16
N VAL A 95 5.33 -8.54 6.18
CA VAL A 95 5.87 -9.87 6.33
C VAL A 95 6.56 -10.19 5.04
N ALA A 96 7.43 -11.19 5.07
CA ALA A 96 8.11 -11.66 3.89
C ALA A 96 7.58 -13.06 3.68
N VAL A 97 7.07 -13.33 2.48
CA VAL A 97 6.41 -14.60 2.17
C VAL A 97 7.20 -15.37 1.11
N VAL A 98 7.23 -16.70 1.22
CA VAL A 98 7.95 -17.55 0.26
C VAL A 98 7.19 -18.84 0.00
N LYS A 99 7.52 -19.53 -1.08
CA LYS A 99 6.87 -20.79 -1.38
C LYS A 99 7.39 -21.83 -0.40
N LYS A 100 6.49 -22.63 0.18
CA LYS A 100 6.92 -23.72 1.05
C LYS A 100 7.80 -24.67 0.25
N ALA A 101 7.29 -25.06 -0.91
CA ALA A 101 7.98 -25.95 -1.79
C ALA A 101 9.47 -25.60 -1.92
N ASN A 102 9.74 -24.32 -1.87
CA ASN A 102 11.07 -23.73 -1.90
C ASN A 102 11.69 -23.90 -0.51
N GLU A 103 12.23 -25.07 -0.25
CA GLU A 103 12.83 -25.43 1.04
C GLU A 103 14.18 -24.76 1.28
N GLY A 104 14.55 -24.65 2.55
CA GLY A 104 15.84 -24.09 2.93
C GLY A 104 16.09 -22.60 2.69
N LEU A 105 15.10 -21.91 2.13
CA LEU A 105 15.24 -20.47 1.88
C LEU A 105 14.85 -19.68 3.12
N THR A 106 15.81 -19.00 3.75
CA THR A 106 15.54 -18.23 4.95
C THR A 106 15.93 -16.77 4.77
N TRP A 107 15.61 -15.95 5.76
CA TRP A 107 15.99 -14.55 5.76
C TRP A 107 17.48 -14.40 5.53
N ASN A 108 18.22 -15.46 5.84
CA ASN A 108 19.67 -15.40 5.77
C ASN A 108 20.21 -15.86 4.46
N SER A 109 19.35 -16.40 3.62
CA SER A 109 19.82 -16.89 2.35
C SER A 109 19.16 -16.09 1.25
N LEU A 110 19.02 -14.80 1.48
CA LEU A 110 18.30 -13.97 0.54
C LEU A 110 19.18 -13.38 -0.52
N LYS A 111 20.46 -13.27 -0.22
CA LYS A 111 21.35 -12.68 -1.23
C LYS A 111 21.26 -13.40 -2.58
N ASP A 112 20.98 -12.64 -3.64
CA ASP A 112 20.94 -13.17 -5.01
C ASP A 112 19.66 -13.92 -5.42
N LYS A 113 18.70 -14.05 -4.52
CA LYS A 113 17.42 -14.62 -4.88
C LYS A 113 16.63 -13.55 -5.62
N LYS A 114 15.43 -13.88 -6.07
CA LYS A 114 14.62 -12.94 -6.84
C LYS A 114 13.54 -12.34 -5.98
N SER A 115 13.31 -11.02 -6.06
CA SER A 115 12.32 -10.43 -5.15
C SER A 115 11.19 -9.72 -5.83
N CYS A 116 10.06 -9.68 -5.12
CA CYS A 116 8.84 -9.04 -5.55
C CYS A 116 8.44 -7.93 -4.58
N HIS A 117 8.42 -6.69 -5.05
CA HIS A 117 8.07 -5.54 -4.22
C HIS A 117 6.80 -4.85 -4.67
N THR A 118 6.02 -4.39 -3.69
CA THR A 118 4.80 -3.69 -4.03
C THR A 118 5.10 -2.53 -4.96
N ALA A 119 6.06 -1.69 -4.57
CA ALA A 119 6.53 -0.56 -5.38
C ALA A 119 7.55 0.20 -4.54
N VAL A 120 8.50 0.84 -5.21
CA VAL A 120 9.50 1.61 -4.48
C VAL A 120 8.85 2.71 -3.60
N ASP A 121 9.45 2.95 -2.44
CA ASP A 121 8.99 3.94 -1.44
C ASP A 121 7.79 3.55 -0.61
N ARG A 122 7.35 2.30 -0.70
CA ARG A 122 6.20 1.91 0.10
C ARG A 122 6.68 1.23 1.38
N THR A 123 5.83 1.16 2.36
CA THR A 123 6.26 0.64 3.64
C THR A 123 6.64 -0.81 3.62
N ALA A 124 5.67 -1.66 3.37
CA ALA A 124 5.93 -3.08 3.43
C ALA A 124 6.72 -3.55 2.23
N GLY A 125 6.44 -2.98 1.07
CA GLY A 125 7.09 -3.49 -0.12
C GLY A 125 8.52 -3.05 -0.29
N TRP A 126 8.90 -1.98 0.40
CA TRP A 126 10.23 -1.40 0.16
C TRP A 126 10.95 -0.94 1.43
N ASN A 127 10.42 0.11 2.03
CA ASN A 127 11.05 0.76 3.16
C ASN A 127 11.48 -0.12 4.32
N ILE A 128 10.67 -1.11 4.68
CA ILE A 128 11.04 -1.97 5.79
C ILE A 128 12.13 -2.95 5.38
N PRO A 129 11.89 -3.74 4.34
CA PRO A 129 12.82 -4.80 3.95
C PRO A 129 14.20 -4.28 3.61
N MET A 130 14.25 -3.29 2.72
CA MET A 130 15.52 -2.76 2.28
C MET A 130 16.14 -1.97 3.43
N GLY A 131 15.31 -1.38 4.26
CA GLY A 131 15.82 -0.69 5.42
C GLY A 131 16.67 -1.70 6.18
N LEU A 132 16.06 -2.83 6.54
CA LEU A 132 16.77 -3.87 7.26
C LEU A 132 17.91 -4.45 6.44
N ILE A 133 17.71 -4.63 5.15
CA ILE A 133 18.78 -5.23 4.38
C ILE A 133 19.96 -4.29 4.34
N VAL A 134 19.69 -3.00 4.23
CA VAL A 134 20.76 -2.04 4.23
C VAL A 134 21.49 -2.17 5.56
N ASN A 135 20.76 -1.97 6.64
CA ASN A 135 21.37 -2.01 7.96
C ASN A 135 22.23 -3.23 8.18
N GLN A 136 21.68 -4.43 7.99
CA GLN A 136 22.46 -5.66 8.18
C GLN A 136 23.63 -5.74 7.24
N THR A 137 23.53 -5.04 6.13
CA THR A 137 24.54 -5.16 5.09
C THR A 137 25.71 -4.21 5.21
N GLY A 138 25.48 -3.03 5.78
CA GLY A 138 26.55 -2.07 5.86
C GLY A 138 26.72 -1.38 4.52
N SER A 139 26.12 -1.95 3.48
CA SER A 139 26.13 -1.34 2.15
C SER A 139 24.86 -0.56 1.82
N CYS A 140 24.97 0.37 0.89
CA CYS A 140 23.84 1.16 0.43
C CYS A 140 23.51 0.65 -0.94
N ALA A 141 24.27 -0.33 -1.39
CA ALA A 141 24.05 -0.85 -2.71
C ALA A 141 22.98 -1.92 -2.64
N PHE A 142 21.83 -1.53 -2.11
CA PHE A 142 20.72 -2.43 -2.05
C PHE A 142 20.27 -2.79 -3.48
N ASP A 143 20.63 -1.95 -4.43
CA ASP A 143 20.30 -2.23 -5.82
C ASP A 143 21.07 -3.46 -6.33
N GLU A 144 21.89 -4.06 -5.49
CA GLU A 144 22.70 -5.22 -5.89
C GLU A 144 22.48 -6.46 -5.06
N PHE A 145 21.67 -6.34 -4.02
CA PHE A 145 21.40 -7.48 -3.16
C PHE A 145 20.68 -8.56 -3.95
N PHE A 146 19.49 -8.25 -4.44
CA PHE A 146 18.73 -9.22 -5.23
C PHE A 146 19.21 -9.29 -6.69
N SER A 147 19.49 -10.51 -7.17
CA SER A 147 19.98 -10.68 -8.53
C SER A 147 19.02 -9.99 -9.50
N GLN A 148 17.73 -10.25 -9.32
CA GLN A 148 16.69 -9.64 -10.17
C GLN A 148 15.46 -9.37 -9.35
N SER A 149 14.68 -8.36 -9.75
CA SER A 149 13.52 -7.97 -8.97
C SER A 149 12.41 -7.32 -9.75
N CYS A 150 11.30 -7.10 -9.06
CA CYS A 150 10.25 -6.31 -9.62
C CYS A 150 9.89 -5.34 -8.54
N ALA A 151 10.41 -4.15 -8.70
CA ALA A 151 10.20 -3.05 -7.82
C ALA A 151 9.73 -1.93 -8.72
N PRO A 152 8.41 -1.82 -8.75
CA PRO A 152 7.80 -0.70 -9.49
C PRO A 152 8.27 0.64 -9.05
N GLY A 153 8.69 1.46 -9.98
CA GLY A 153 9.16 2.79 -9.65
C GLY A 153 10.63 2.93 -9.93
N ALA A 154 11.33 1.82 -9.99
CA ALA A 154 12.75 1.87 -10.30
C ALA A 154 12.97 2.05 -11.79
N ASP A 155 14.22 2.28 -12.15
CA ASP A 155 14.65 2.48 -13.51
C ASP A 155 14.37 1.20 -14.28
N PRO A 156 13.45 1.31 -15.24
CA PRO A 156 13.01 0.16 -16.03
C PRO A 156 14.16 -0.67 -16.59
N LYS A 157 15.21 -0.03 -17.08
CA LYS A 157 16.35 -0.78 -17.60
C LYS A 157 17.26 -1.34 -16.50
N SER A 158 16.90 -1.14 -15.23
CA SER A 158 17.71 -1.71 -14.16
C SER A 158 17.24 -3.13 -13.83
N ARG A 159 18.00 -3.88 -13.05
CA ARG A 159 17.55 -5.23 -12.75
C ARG A 159 16.44 -5.19 -11.72
N LEU A 160 16.33 -4.06 -11.02
CA LEU A 160 15.23 -3.88 -10.09
C LEU A 160 13.91 -3.99 -10.82
N CYS A 161 13.93 -3.74 -12.13
CA CYS A 161 12.72 -3.87 -12.95
C CYS A 161 12.70 -5.16 -13.79
N ALA A 162 13.79 -5.90 -13.74
CA ALA A 162 13.93 -7.11 -14.53
C ALA A 162 12.71 -8.03 -14.51
N LEU A 163 12.02 -8.09 -13.38
CA LEU A 163 10.94 -9.04 -13.21
C LEU A 163 9.52 -8.50 -13.51
N CYS A 164 9.39 -7.18 -13.67
CA CYS A 164 8.09 -6.56 -13.95
C CYS A 164 7.64 -6.86 -15.36
N ALA A 165 6.34 -6.77 -15.61
CA ALA A 165 5.80 -7.22 -16.90
C ALA A 165 4.94 -6.23 -17.70
N GLY A 166 4.59 -5.10 -17.13
CA GLY A 166 3.76 -4.20 -17.90
C GLY A 166 2.33 -4.71 -18.01
N ASP A 167 1.54 -4.13 -18.91
CA ASP A 167 0.14 -4.49 -19.07
C ASP A 167 -0.12 -5.64 -20.05
N ASP A 168 -1.32 -5.65 -20.65
CA ASP A 168 -1.71 -6.72 -21.59
C ASP A 168 -0.64 -6.89 -22.63
N GLN A 169 -0.04 -5.78 -23.03
CA GLN A 169 0.93 -5.85 -24.12
C GLN A 169 2.38 -5.82 -23.68
N GLY A 170 2.67 -5.61 -22.41
CA GLY A 170 4.06 -5.51 -22.05
C GLY A 170 4.47 -4.05 -22.18
N LEU A 171 3.47 -3.16 -22.25
CA LEU A 171 3.74 -1.74 -22.27
C LEU A 171 3.75 -1.26 -20.82
N ASP A 172 4.43 -0.15 -20.56
CA ASP A 172 4.40 0.41 -19.22
C ASP A 172 5.12 -0.41 -18.15
N LYS A 173 6.11 -1.19 -18.57
CA LYS A 173 6.86 -2.04 -17.65
C LYS A 173 7.33 -1.29 -16.42
N CYS A 174 7.12 -1.88 -15.25
CA CYS A 174 7.62 -1.30 -14.02
C CYS A 174 6.98 0.00 -13.53
N VAL A 175 5.99 0.57 -14.22
CA VAL A 175 5.43 1.80 -13.69
C VAL A 175 4.75 1.51 -12.37
N PRO A 176 4.78 2.46 -11.46
CA PRO A 176 4.21 2.25 -10.14
C PRO A 176 2.77 2.67 -10.12
N ASN A 177 1.90 2.00 -10.91
CA ASN A 177 0.43 2.20 -10.85
C ASN A 177 -0.21 0.72 -10.97
N SER A 178 -1.53 0.35 -11.23
CA SER A 178 -1.93 -1.15 -11.23
C SER A 178 -2.00 -1.73 -12.63
N LYS A 179 -1.34 -0.91 -13.44
CA LYS A 179 -1.18 -1.16 -14.83
C LYS A 179 -0.11 -2.24 -14.99
N GLU A 180 0.79 -2.30 -14.00
CA GLU A 180 1.88 -3.27 -13.97
C GLU A 180 1.32 -4.55 -13.32
N LYS A 181 1.56 -5.70 -13.96
CA LYS A 181 1.08 -6.96 -13.50
C LYS A 181 1.44 -7.16 -12.01
N TYR A 182 2.71 -6.94 -11.67
CA TYR A 182 3.15 -7.24 -10.29
C TYR A 182 3.08 -6.08 -9.28
N TYR A 183 2.44 -4.93 -9.69
CA TYR A 183 2.36 -3.74 -8.82
C TYR A 183 1.35 -3.84 -7.71
N GLY A 184 1.73 -3.22 -6.58
CA GLY A 184 0.83 -3.19 -5.42
C GLY A 184 0.92 -4.46 -4.57
N TYR A 185 0.15 -4.51 -3.50
CA TYR A 185 0.14 -5.67 -2.63
C TYR A 185 -0.16 -6.96 -3.42
N THR A 186 -1.17 -6.88 -4.28
CA THR A 186 -1.60 -8.03 -5.06
C THR A 186 -0.60 -8.43 -6.16
N GLY A 187 -0.14 -7.46 -6.94
CA GLY A 187 0.84 -7.74 -7.96
C GLY A 187 2.02 -8.48 -7.34
N ALA A 188 2.61 -7.85 -6.33
CA ALA A 188 3.72 -8.45 -5.63
C ALA A 188 3.42 -9.90 -5.28
N PHE A 189 2.27 -10.18 -4.69
CA PHE A 189 2.01 -11.55 -4.30
C PHE A 189 1.80 -12.45 -5.52
N ARG A 190 1.38 -11.84 -6.62
CA ARG A 190 1.09 -12.62 -7.80
C ARG A 190 2.42 -12.99 -8.38
N CYS A 191 3.35 -12.07 -8.24
CA CYS A 191 4.72 -12.22 -8.67
C CYS A 191 5.35 -13.50 -8.09
N LEU A 192 5.11 -13.77 -6.81
CA LEU A 192 5.69 -14.94 -6.16
C LEU A 192 4.83 -16.16 -6.46
N ALA A 193 3.53 -15.99 -6.28
CA ALA A 193 2.59 -17.07 -6.54
C ALA A 193 2.90 -17.78 -7.84
N GLU A 194 3.20 -17.00 -8.87
CA GLU A 194 3.52 -17.54 -10.19
C GLU A 194 5.00 -17.84 -10.31
N ASP A 195 5.69 -17.81 -9.19
CA ASP A 195 7.10 -18.18 -9.20
C ASP A 195 7.96 -17.34 -10.11
N VAL A 196 7.65 -16.05 -10.19
CA VAL A 196 8.49 -15.09 -10.90
C VAL A 196 9.59 -14.71 -9.92
N GLY A 197 9.19 -14.41 -8.70
CA GLY A 197 10.15 -14.11 -7.67
C GLY A 197 10.27 -15.24 -6.68
N ASP A 198 11.33 -15.23 -5.89
CA ASP A 198 11.51 -16.20 -4.83
C ASP A 198 10.84 -15.71 -3.57
N VAL A 199 10.60 -14.40 -3.50
CA VAL A 199 10.10 -13.73 -2.31
C VAL A 199 9.33 -12.44 -2.59
N ALA A 200 8.29 -12.24 -1.78
CA ALA A 200 7.40 -11.10 -1.90
C ALA A 200 7.28 -10.40 -0.56
N PHE A 201 7.47 -9.09 -0.61
CA PHE A 201 7.36 -8.26 0.56
C PHE A 201 6.04 -7.54 0.50
N VAL A 202 5.07 -8.04 1.28
CA VAL A 202 3.71 -7.55 1.36
C VAL A 202 3.19 -7.66 2.76
N LYS A 203 2.00 -7.13 2.99
CA LYS A 203 1.49 -7.24 4.34
C LYS A 203 0.89 -8.61 4.62
N ASN A 204 0.61 -8.91 5.88
CA ASN A 204 0.01 -10.17 6.30
C ASN A 204 -1.32 -10.42 5.63
N ASP A 205 -2.15 -9.38 5.57
CA ASP A 205 -3.50 -9.53 5.08
C ASP A 205 -3.53 -10.07 3.67
N THR A 206 -2.51 -9.73 2.92
CA THR A 206 -2.45 -10.07 1.52
C THR A 206 -2.37 -11.56 1.24
N VAL A 207 -1.64 -12.30 2.08
CA VAL A 207 -1.53 -13.74 1.88
C VAL A 207 -2.90 -14.36 2.10
N TRP A 208 -3.56 -13.94 3.18
CA TRP A 208 -4.88 -14.48 3.50
C TRP A 208 -5.98 -14.13 2.51
N GLU A 209 -5.93 -12.94 1.93
CA GLU A 209 -6.99 -12.49 1.02
C GLU A 209 -6.91 -13.11 -0.39
N ASN A 210 -5.77 -13.72 -0.71
CA ASN A 210 -5.60 -14.31 -2.06
C ASN A 210 -5.43 -15.82 -2.09
N THR A 211 -5.62 -16.49 -0.96
CA THR A 211 -5.49 -17.94 -0.91
C THR A 211 -6.81 -18.54 -0.46
N ASN A 212 -6.92 -19.87 -0.56
CA ASN A 212 -8.10 -20.60 -0.09
C ASN A 212 -9.42 -20.05 -0.62
N GLY A 213 -9.43 -19.75 -1.92
CA GLY A 213 -10.62 -19.26 -2.60
C GLY A 213 -11.19 -17.93 -2.12
N GLU A 214 -10.34 -17.07 -1.58
CA GLU A 214 -10.81 -15.78 -1.12
C GLU A 214 -10.91 -14.79 -2.29
N SER A 215 -10.02 -14.95 -3.26
CA SER A 215 -9.90 -13.99 -4.37
C SER A 215 -10.62 -14.34 -5.68
N THR A 216 -10.64 -15.62 -6.04
CA THR A 216 -11.32 -16.11 -7.25
C THR A 216 -10.67 -15.74 -8.61
N ALA A 217 -9.63 -14.92 -8.57
CA ALA A 217 -8.92 -14.57 -9.78
C ALA A 217 -8.15 -15.78 -10.29
N ASP A 218 -8.20 -16.03 -11.58
CA ASP A 218 -7.58 -17.21 -12.18
C ASP A 218 -6.18 -17.62 -11.67
N TRP A 219 -5.40 -16.70 -11.12
CA TRP A 219 -4.06 -17.10 -10.65
C TRP A 219 -4.14 -17.40 -9.16
N ALA A 220 -5.17 -16.85 -8.53
CA ALA A 220 -5.39 -16.95 -7.09
C ALA A 220 -6.31 -18.13 -6.71
N LYS A 221 -7.21 -18.47 -7.62
CA LYS A 221 -8.15 -19.57 -7.43
C LYS A 221 -7.55 -20.75 -6.67
N ASN A 222 -6.62 -21.43 -7.32
CA ASN A 222 -6.08 -22.67 -6.79
C ASN A 222 -5.02 -22.49 -5.68
N LEU A 223 -4.84 -21.26 -5.17
CA LEU A 223 -3.77 -21.11 -4.18
C LEU A 223 -4.15 -21.51 -2.77
N LYS A 224 -3.22 -22.18 -2.11
CA LYS A 224 -3.44 -22.73 -0.79
C LYS A 224 -2.48 -22.15 0.23
N ARG A 225 -3.02 -21.53 1.27
CA ARG A 225 -2.21 -20.96 2.31
C ARG A 225 -1.11 -21.88 2.76
N GLU A 226 -1.45 -23.16 3.09
CA GLU A 226 -0.37 -23.94 3.58
C GLU A 226 0.79 -24.04 2.60
N ASP A 227 0.70 -23.59 1.34
CA ASP A 227 1.90 -23.73 0.45
C ASP A 227 2.83 -22.55 0.60
N PHE A 228 2.54 -21.71 1.58
CA PHE A 228 3.32 -20.53 1.79
C PHE A 228 3.93 -20.51 3.17
N ARG A 229 5.00 -19.73 3.32
CA ARG A 229 5.71 -19.60 4.57
C ARG A 229 6.14 -18.17 4.74
N LEU A 230 6.37 -17.79 6.00
CA LEU A 230 6.83 -16.46 6.39
C LEU A 230 8.29 -16.52 6.81
N LEU A 231 9.07 -15.53 6.37
CA LEU A 231 10.47 -15.47 6.77
C LEU A 231 10.61 -14.61 8.00
N CYS A 232 11.13 -15.18 9.08
CA CYS A 232 11.31 -14.45 10.33
C CYS A 232 12.69 -13.81 10.40
N LEU A 233 12.86 -12.94 11.39
CA LEU A 233 14.15 -12.29 11.56
C LEU A 233 15.15 -13.18 12.26
N ASP A 234 14.69 -14.13 13.08
CA ASP A 234 15.62 -15.07 13.67
C ASP A 234 16.01 -16.14 12.63
N GLY A 235 15.67 -15.89 11.37
CA GLY A 235 15.99 -16.82 10.30
C GLY A 235 15.30 -18.15 10.55
N THR A 236 13.98 -18.16 10.46
CA THR A 236 13.17 -19.32 10.79
C THR A 236 11.91 -19.20 9.92
N ARG A 237 11.25 -20.30 9.62
CA ARG A 237 10.12 -20.25 8.71
C ARG A 237 8.90 -20.71 9.42
N LYS A 238 7.87 -19.87 9.41
CA LYS A 238 6.62 -20.20 10.08
C LYS A 238 5.44 -20.15 9.13
N PRO A 239 4.38 -20.88 9.48
CA PRO A 239 3.14 -20.84 8.72
C PRO A 239 2.58 -19.43 8.74
N VAL A 240 1.60 -19.16 7.90
CA VAL A 240 1.12 -17.81 7.73
C VAL A 240 0.15 -17.43 8.81
N THR A 241 -0.06 -18.34 9.75
CA THR A 241 -0.98 -18.09 10.84
C THR A 241 -0.22 -17.55 12.03
N GLU A 242 1.10 -17.67 11.96
CA GLU A 242 2.01 -17.17 12.98
C GLU A 242 2.53 -15.76 12.68
N ALA A 243 1.69 -14.90 12.13
CA ALA A 243 2.19 -13.58 11.72
C ALA A 243 2.66 -12.77 12.90
N GLN A 244 1.94 -12.89 13.99
CA GLN A 244 2.27 -12.07 15.14
C GLN A 244 3.67 -12.36 15.71
N SER A 245 4.23 -13.53 15.43
CA SER A 245 5.56 -13.80 15.97
C SER A 245 6.59 -13.97 14.87
N CYS A 246 6.21 -13.59 13.65
CA CYS A 246 7.10 -13.66 12.51
C CYS A 246 6.83 -12.54 11.49
N HIS A 247 6.89 -11.30 11.94
CA HIS A 247 6.66 -10.16 11.05
C HIS A 247 7.90 -9.30 10.98
N LEU A 248 7.98 -8.41 9.99
CA LEU A 248 9.15 -7.55 9.85
C LEU A 248 8.95 -6.23 10.57
N ALA A 249 7.71 -5.79 10.71
CA ALA A 249 7.44 -4.55 11.41
C ALA A 249 5.94 -4.33 11.32
N VAL A 250 5.37 -3.49 12.17
CA VAL A 250 3.97 -3.14 12.00
C VAL A 250 3.95 -1.78 11.32
N ALA A 251 3.13 -1.64 10.30
CA ALA A 251 3.05 -0.40 9.55
C ALA A 251 1.83 0.43 9.93
N PRO A 252 1.97 1.75 9.81
CA PRO A 252 0.86 2.66 10.03
C PRO A 252 -0.09 2.53 8.87
N ASN A 253 -1.39 2.63 9.17
CA ASN A 253 -2.41 2.48 8.16
C ASN A 253 -2.28 3.47 7.05
N HIS A 254 -2.64 3.02 5.86
CA HIS A 254 -2.75 3.94 4.78
C HIS A 254 -3.76 4.98 5.27
N ALA A 255 -3.63 6.20 4.79
CA ALA A 255 -4.56 7.24 5.15
C ALA A 255 -4.71 8.29 4.03
N VAL A 256 -5.78 9.06 4.14
CA VAL A 256 -6.04 10.13 3.19
C VAL A 256 -5.21 11.34 3.62
N VAL A 257 -4.49 11.96 2.68
CA VAL A 257 -3.76 13.18 3.03
C VAL A 257 -4.29 14.31 2.20
N SER A 258 -4.01 15.54 2.63
CA SER A 258 -4.51 16.69 1.91
C SER A 258 -3.69 17.88 2.25
N ARG A 259 -4.00 19.01 1.64
CA ARG A 259 -3.30 20.21 2.04
C ARG A 259 -3.91 20.64 3.36
N SER A 260 -3.07 21.14 4.25
CA SER A 260 -3.60 21.53 5.54
C SER A 260 -4.72 22.54 5.41
N ASP A 261 -4.61 23.48 4.48
CA ASP A 261 -5.67 24.47 4.35
C ASP A 261 -6.99 23.87 3.80
N ARG A 262 -7.00 22.56 3.58
CA ARG A 262 -8.18 21.86 3.01
C ARG A 262 -8.62 20.65 3.84
N ALA A 263 -7.81 20.26 4.80
CA ALA A 263 -8.09 19.09 5.62
C ALA A 263 -9.50 19.08 6.22
N ALA A 264 -9.97 20.25 6.61
CA ALA A 264 -11.25 20.35 7.25
C ALA A 264 -12.36 20.00 6.31
N HIS A 265 -12.27 20.54 5.10
CA HIS A 265 -13.34 20.38 4.15
C HIS A 265 -13.29 19.01 3.52
N VAL A 266 -12.12 18.39 3.50
CA VAL A 266 -12.01 17.07 2.94
C VAL A 266 -12.60 16.07 3.93
N GLU A 267 -12.23 16.22 5.20
CA GLU A 267 -12.74 15.36 6.26
C GLU A 267 -14.26 15.37 6.26
N GLN A 268 -14.82 16.58 6.25
CA GLN A 268 -16.27 16.76 6.24
C GLN A 268 -16.94 16.01 5.10
N VAL A 269 -16.66 16.40 3.86
CA VAL A 269 -17.28 15.78 2.71
C VAL A 269 -17.10 14.25 2.63
N LEU A 270 -16.03 13.77 3.24
CA LEU A 270 -15.65 12.35 3.14
C LEU A 270 -16.44 11.43 4.05
N LEU A 271 -16.57 11.84 5.32
CA LEU A 271 -17.34 11.08 6.29
C LEU A 271 -18.76 10.96 5.79
N HIS A 272 -19.24 12.00 5.11
CA HIS A 272 -20.59 11.92 4.56
C HIS A 272 -20.65 11.02 3.35
N GLN A 273 -19.56 10.94 2.59
CA GLN A 273 -19.50 10.02 1.47
C GLN A 273 -19.43 8.59 1.97
N GLN A 274 -18.81 8.37 3.12
CA GLN A 274 -18.68 7.01 3.64
C GLN A 274 -20.01 6.53 4.19
N ALA A 275 -20.80 7.46 4.72
CA ALA A 275 -22.16 7.15 5.18
C ALA A 275 -22.95 6.55 4.06
N LEU A 276 -22.64 6.98 2.83
CA LEU A 276 -23.39 6.58 1.65
C LEU A 276 -22.86 5.38 0.91
N PHE A 277 -21.55 5.27 0.80
CA PHE A 277 -20.98 4.22 -0.02
C PHE A 277 -20.03 3.32 0.72
N GLY A 278 -19.91 3.57 2.00
CA GLY A 278 -19.06 2.76 2.86
C GLY A 278 -19.64 1.41 3.18
N LYS A 279 -18.99 0.73 4.13
CA LYS A 279 -19.36 -0.63 4.46
C LYS A 279 -20.84 -0.86 4.76
N ASN A 280 -21.48 0.11 5.41
CA ASN A 280 -22.93 -0.02 5.71
C ASN A 280 -23.87 1.10 5.22
N GLY A 281 -23.50 1.78 4.13
CA GLY A 281 -24.25 2.94 3.65
C GLY A 281 -25.59 2.77 2.94
N LYS A 282 -26.37 3.84 2.94
CA LYS A 282 -27.64 3.88 2.25
C LYS A 282 -27.58 3.21 0.90
N ASN A 283 -26.41 3.34 0.24
CA ASN A 283 -26.30 2.80 -1.11
C ASN A 283 -25.15 1.80 -1.45
N CYS A 284 -24.48 1.15 -0.41
CA CYS A 284 -23.35 0.23 -0.69
C CYS A 284 -23.77 -0.97 -1.55
N PRO A 285 -24.53 -1.92 -0.97
CA PRO A 285 -24.87 -3.09 -1.81
C PRO A 285 -25.31 -2.72 -3.17
N ASP A 286 -26.36 -1.94 -3.11
CA ASP A 286 -27.18 -1.50 -4.25
C ASP A 286 -26.53 -0.69 -5.35
N LYS A 287 -25.87 0.41 -5.01
CA LYS A 287 -25.41 1.29 -6.09
C LYS A 287 -23.92 1.42 -6.24
N PHE A 288 -23.20 1.58 -5.14
CA PHE A 288 -21.78 1.77 -5.22
C PHE A 288 -21.08 1.62 -3.88
N CYS A 289 -20.08 0.75 -3.84
CA CYS A 289 -19.32 0.55 -2.62
C CYS A 289 -17.93 1.13 -2.78
N LEU A 290 -17.68 2.21 -2.06
CA LEU A 290 -16.39 2.88 -2.04
C LEU A 290 -15.24 1.93 -1.77
N PHE A 291 -15.47 0.89 -0.96
CA PHE A 291 -14.37 0.02 -0.59
C PHE A 291 -14.33 -1.30 -1.32
N LYS A 292 -15.01 -1.38 -2.45
CA LYS A 292 -14.95 -2.58 -3.25
C LYS A 292 -14.41 -2.19 -4.61
N SER A 293 -13.53 -3.03 -5.15
CA SER A 293 -12.88 -2.80 -6.43
C SER A 293 -12.46 -4.14 -6.96
N GLU A 294 -13.00 -5.18 -6.36
CA GLU A 294 -12.66 -6.56 -6.72
C GLU A 294 -11.15 -6.87 -6.64
N THR A 295 -10.71 -7.21 -5.43
CA THR A 295 -9.33 -7.65 -5.14
C THR A 295 -8.19 -6.69 -5.56
N LYS A 296 -8.55 -5.53 -6.07
CA LYS A 296 -7.59 -4.61 -6.68
C LYS A 296 -7.04 -3.43 -5.88
N ASN A 297 -7.59 -3.18 -4.70
CA ASN A 297 -7.14 -2.08 -3.87
C ASN A 297 -7.08 -0.74 -4.61
N LEU A 298 -8.15 -0.43 -5.35
CA LEU A 298 -8.26 0.81 -6.10
C LEU A 298 -8.86 1.92 -5.26
N LEU A 299 -8.10 3.02 -5.08
CA LEU A 299 -8.48 4.20 -4.28
C LEU A 299 -8.33 3.90 -2.81
N PHE A 300 -8.80 2.72 -2.41
CA PHE A 300 -8.73 2.29 -1.03
C PHE A 300 -8.43 0.81 -0.99
N ASN A 301 -7.83 0.36 0.10
CA ASN A 301 -7.60 -1.07 0.29
C ASN A 301 -8.94 -1.71 0.29
N ASP A 302 -9.00 -2.92 -0.22
CA ASP A 302 -10.28 -3.58 -0.30
C ASP A 302 -10.78 -4.02 1.05
N ASN A 303 -9.88 -4.24 2.01
CA ASN A 303 -10.31 -4.70 3.33
C ASN A 303 -10.70 -3.60 4.33
N THR A 304 -10.96 -2.40 3.86
CA THR A 304 -11.29 -1.29 4.74
C THR A 304 -12.69 -1.35 5.30
N GLU A 305 -12.82 -1.41 6.61
CA GLU A 305 -14.14 -1.33 7.22
C GLU A 305 -14.59 0.11 7.06
N CYS A 306 -13.80 1.04 7.57
CA CYS A 306 -14.13 2.45 7.42
C CYS A 306 -12.91 3.33 7.46
N LEU A 307 -13.16 4.59 7.13
CA LEU A 307 -12.16 5.61 7.26
C LEU A 307 -12.36 6.19 8.67
N ALA A 308 -11.29 6.20 9.46
CA ALA A 308 -11.38 6.63 10.85
C ALA A 308 -10.81 8.01 11.19
N LYS A 309 -11.49 8.74 12.08
CA LYS A 309 -11.02 10.03 12.59
C LYS A 309 -9.71 9.74 13.28
N LEU A 310 -8.84 10.72 13.40
CA LEU A 310 -7.53 10.41 13.95
C LEU A 310 -7.47 10.65 15.44
N GLY A 311 -7.91 11.81 15.91
CA GLY A 311 -7.97 11.94 17.36
C GLY A 311 -6.61 12.04 18.00
N GLY A 312 -6.28 13.30 18.20
CA GLY A 312 -5.06 13.77 18.69
C GLY A 312 -4.38 14.71 17.66
N ARG A 313 -5.11 15.26 16.56
CA ARG A 313 -4.60 16.16 15.40
C ARG A 313 -3.06 15.93 15.12
N PRO A 314 -2.84 14.77 14.45
CA PRO A 314 -1.49 14.21 14.21
C PRO A 314 -0.68 14.95 13.25
N THR A 315 0.48 15.38 13.55
CA THR A 315 1.28 15.80 12.44
C THR A 315 1.86 14.52 11.87
N TYR A 316 2.25 14.56 10.62
CA TYR A 316 2.67 13.33 9.97
C TYR A 316 3.74 12.55 10.74
N GLU A 317 4.70 13.21 11.36
CA GLU A 317 5.72 12.46 12.08
C GLU A 317 5.02 11.71 13.18
N GLU A 318 4.08 12.38 13.82
CA GLU A 318 3.32 11.77 14.90
C GLU A 318 2.50 10.63 14.34
N TYR A 319 1.88 10.85 13.19
CA TYR A 319 1.11 9.77 12.58
C TYR A 319 2.04 8.64 12.19
N LEU A 320 3.19 8.91 11.62
CA LEU A 320 3.97 7.76 11.22
C LEU A 320 4.69 7.13 12.41
N GLY A 321 4.87 7.91 13.47
CA GLY A 321 5.54 7.43 14.66
C GLY A 321 7.04 7.56 14.50
N THR A 322 7.75 7.73 15.61
CA THR A 322 9.22 7.91 15.60
C THR A 322 9.99 6.68 15.13
N GLU A 323 9.52 5.49 15.50
CA GLU A 323 10.15 4.28 14.99
C GLU A 323 10.27 4.38 13.47
N TYR A 324 9.13 4.34 12.78
CA TYR A 324 9.17 4.35 11.31
C TYR A 324 9.87 5.55 10.69
N VAL A 325 9.69 6.74 11.25
CA VAL A 325 10.32 7.91 10.64
C VAL A 325 11.81 7.75 10.64
N THR A 326 12.37 7.09 11.64
CA THR A 326 13.81 6.95 11.64
C THR A 326 14.24 5.97 10.57
N ALA A 327 13.59 4.83 10.53
CA ALA A 327 13.94 3.80 9.56
C ALA A 327 13.95 4.38 8.14
N ILE A 328 13.12 5.38 7.92
CA ILE A 328 13.05 6.00 6.60
C ILE A 328 14.20 6.95 6.38
N ALA A 329 14.57 7.68 7.43
CA ALA A 329 15.68 8.62 7.33
C ALA A 329 16.99 7.92 6.97
N ASN A 330 17.35 6.92 7.77
CA ASN A 330 18.59 6.18 7.57
C ASN A 330 18.68 5.57 6.18
N LEU A 331 17.54 5.22 5.61
CA LEU A 331 17.48 4.63 4.29
C LEU A 331 17.66 5.66 3.17
N LYS A 332 17.20 6.88 3.43
CA LYS A 332 17.21 7.94 2.43
C LYS A 332 18.58 8.59 2.21
N LYS A 333 19.44 8.52 3.23
CA LYS A 333 20.78 9.07 3.13
C LYS A 333 21.57 8.24 2.12
N CYS A 334 21.16 6.99 2.02
CA CYS A 334 21.76 6.07 1.08
C CYS A 334 21.51 6.54 -0.32
N SER A 335 20.34 7.15 -0.55
CA SER A 335 19.97 7.56 -1.90
C SER A 335 18.96 8.71 -1.92
N LEU A 340 17.53 14.84 4.65
CA LEU A 340 16.91 14.64 5.96
C LEU A 340 15.85 15.73 6.21
N GLU A 341 15.61 16.54 5.17
CA GLU A 341 14.59 17.61 5.25
C GLU A 341 14.29 18.25 3.88
N ALA A 342 13.05 18.18 3.28
CA ALA A 342 13.07 18.85 1.95
C ALA A 342 11.86 19.48 1.04
N CYS A 343 10.99 18.57 0.53
CA CYS A 343 9.82 18.57 -0.45
C CYS A 343 10.57 18.29 -1.72
N ALA A 344 10.70 16.94 -1.81
CA ALA A 344 11.26 16.13 -2.87
C ALA A 344 10.78 16.64 -4.22
N PHE A 345 10.14 17.79 -4.15
CA PHE A 345 9.60 18.42 -5.35
C PHE A 345 9.84 19.92 -5.39
C1 NAG B . 18.91 1.14 10.64
C2 NAG B . 17.60 0.99 11.40
C3 NAG B . 17.32 2.19 12.30
C4 NAG B . 18.49 2.47 13.25
C5 NAG B . 19.70 2.67 12.31
C6 NAG B . 20.96 3.08 13.06
C7 NAG B . 15.73 -0.27 10.48
C8 NAG B . 14.79 -0.46 9.32
N2 NAG B . 16.52 0.80 10.45
O3 NAG B . 16.13 2.01 13.03
O4 NAG B . 18.26 3.66 14.01
O5 NAG B . 19.96 1.52 11.52
O6 NAG B . 20.89 2.63 14.40
O7 NAG B . 15.75 -1.08 11.40
C1 NAG B . 18.02 3.55 15.44
C2 NAG B . 18.18 4.93 16.09
C3 NAG B . 18.05 4.85 17.61
C4 NAG B . 16.61 4.46 17.88
C5 NAG B . 16.32 3.14 17.16
C6 NAG B . 14.82 2.82 17.23
C7 NAG B . 19.32 6.47 14.67
C8 NAG B . 20.60 6.98 14.07
N2 NAG B . 19.40 5.60 15.67
O3 NAG B . 18.29 6.09 18.21
O4 NAG B . 16.37 4.37 19.29
O5 NAG B . 16.72 3.09 15.78
O6 NAG B . 14.12 3.41 16.15
O7 NAG B . 18.24 6.85 14.23
C1 MAN B . 15.49 5.41 19.82
C2 MAN B . 14.46 4.73 20.74
C3 MAN B . 13.84 5.63 21.81
C4 MAN B . 14.97 6.43 22.44
C5 MAN B . 15.52 7.30 21.32
C6 MAN B . 16.44 8.37 21.85
O2 MAN B . 15.09 3.63 21.36
O3 MAN B . 13.14 4.87 22.78
O4 MAN B . 14.52 7.22 23.50
O5 MAN B . 16.23 6.46 20.42
O6 MAN B . 17.18 8.93 20.78
C1 NAG C . -3.55 -11.53 9.21
C2 NAG C . -4.29 -11.45 10.59
C3 NAG C . -5.75 -11.91 10.62
C4 NAG C . -6.55 -11.55 9.37
C5 NAG C . -5.67 -11.55 8.13
C6 NAG C . -6.43 -10.88 6.99
C7 NAG C . -2.68 -11.51 12.34
C8 NAG C . -1.74 -12.34 13.18
N2 NAG C . -3.60 -12.16 11.64
O3 NAG C . -6.40 -11.31 11.74
O4 NAG C . -7.56 -12.50 9.17
O5 NAG C . -4.45 -10.88 8.33
O6 NAG C . -7.07 -9.70 7.45
O7 NAG C . -2.58 -10.29 12.31
C1 NAG C . -8.84 -11.88 9.25
C2 NAG C . -9.87 -12.89 8.76
C3 NAG C . -11.26 -12.72 9.36
C4 NAG C . -11.09 -12.54 10.87
C5 NAG C . -10.28 -11.28 11.06
C6 NAG C . -10.16 -10.94 12.54
C7 NAG C . -9.81 -13.89 6.55
C8 NAG C . -9.63 -13.69 5.07
N2 NAG C . -9.94 -12.81 7.31
O3 NAG C . -12.02 -13.86 9.03
O4 NAG C . -12.24 -12.44 11.71
O5 NAG C . -8.97 -11.49 10.60
O6 NAG C . -9.01 -11.56 13.06
O7 NAG C . -9.81 -15.03 7.00
C1 MAN C . -13.49 -12.59 11.03
C2 MAN C . -14.69 -12.78 11.95
C3 MAN C . -16.00 -12.75 11.15
C4 MAN C . -15.83 -12.72 9.63
C5 MAN C . -14.53 -12.09 9.14
C6 MAN C . -14.68 -11.15 7.96
O2 MAN C . -14.67 -11.78 12.96
O3 MAN C . -16.82 -11.65 11.52
O4 MAN C . -15.77 -14.05 9.15
O5 MAN C . -13.80 -11.51 10.20
O6 MAN C . -13.51 -11.20 7.18
C1 MAN C . -16.82 -14.38 8.25
C2 MAN C . -16.92 -15.89 8.35
C3 MAN C . -15.98 -16.60 7.38
C4 MAN C . -14.96 -15.76 6.59
C5 MAN C . -15.31 -14.29 6.46
C6 MAN C . -15.08 -13.84 5.00
O2 MAN C . -18.25 -16.30 8.16
O3 MAN C . -16.77 -17.31 6.46
O4 MAN C . -13.62 -15.79 7.08
O5 MAN C . -16.63 -14.03 6.89
O6 MAN C . -15.45 -12.49 4.81
C1 MAN C . -12.94 -17.07 6.93
C2 MAN C . -11.73 -17.01 6.00
C3 MAN C . -11.99 -17.37 4.53
C4 MAN C . -13.40 -17.89 4.23
C5 MAN C . -13.97 -18.71 5.40
C6 MAN C . -13.43 -20.14 5.44
O2 MAN C . -10.73 -17.88 6.50
O3 MAN C . -11.05 -18.33 4.11
O4 MAN C . -14.24 -16.84 3.79
O5 MAN C . -13.80 -18.17 6.70
O6 MAN C . -13.11 -20.52 6.77
C1 MAN C . -15.49 -17.27 3.18
C2 MAN C . -15.34 -17.73 1.72
C3 MAN C . -15.62 -16.65 0.66
C4 MAN C . -16.83 -15.79 1.02
C5 MAN C . -16.71 -15.28 2.44
C6 MAN C . -17.95 -14.48 2.82
O2 MAN C . -16.20 -18.84 1.48
O3 MAN C . -15.86 -17.24 -0.61
O4 MAN C . -16.91 -14.72 0.11
O5 MAN C . -16.57 -16.36 3.35
O6 MAN C . -17.73 -13.09 2.71
C1 NAG D . -24.00 16.56 -2.31
C2 NAG D . -24.76 15.34 -1.79
C3 NAG D . -26.05 15.75 -1.10
C4 NAG D . -25.78 16.80 -0.02
C5 NAG D . -24.65 17.80 -0.39
C6 NAG D . -24.07 18.37 0.91
C7 NAG D . -24.84 13.09 -2.58
C8 NAG D . -25.63 12.10 -3.40
N2 NAG D . -25.04 14.38 -2.84
O3 NAG D . -26.64 14.62 -0.48
O4 NAG D . -26.98 17.48 0.26
O5 NAG D . -23.59 17.24 -1.15
O6 NAG D . -24.23 17.41 1.93
O7 NAG D . -24.08 12.70 -1.70
C1 MAN E . 1.58 2.96 15.09
C2 MAN E . 2.84 3.67 15.60
C3 MAN E . 2.48 4.97 16.31
C4 MAN E . 1.56 5.83 15.42
C5 MAN E . 0.37 4.97 14.98
C6 MAN E . -0.67 5.77 14.19
O1 MAN E . 1.93 1.77 14.41
O2 MAN E . 3.69 3.94 14.49
O3 MAN E . 3.64 5.70 16.68
O4 MAN E . 1.12 6.98 16.13
O5 MAN E . 0.85 3.84 14.25
O6 MAN E . -0.22 5.98 12.87
ZN ZN F . 0.93 16.43 18.68
ZN ZN G . 6.65 -6.77 16.30
FE FE H . 1.23 -0.14 2.72
C CO3 I . 2.90 -0.90 1.32
O1 CO3 I . 1.76 -0.61 0.74
O2 CO3 I . 3.11 -0.61 2.58
O3 CO3 I . 3.83 -1.50 0.62
S SO4 J . 9.32 -25.40 6.15
O1 SO4 J . 9.06 -24.05 6.63
O2 SO4 J . 10.48 -25.93 6.86
O3 SO4 J . 8.15 -26.22 6.42
O4 SO4 J . 9.62 -25.36 4.72
#